data_7D0O
#
_entry.id   7D0O
#
_cell.length_a   127.604
_cell.length_b   38.372
_cell.length_c   88.075
_cell.angle_alpha   90.000
_cell.angle_beta   122.600
_cell.angle_gamma   90.000
#
_symmetry.space_group_name_H-M   'C 1 2 1'
#
loop_
_entity.id
_entity.type
_entity.pdbx_description
1 polymer 'Histone acetyltransferase KAT7'
2 polymer 'BRD1 protein'
3 non-polymer 'ZINC ION'
4 non-polymer 1,2-ETHANEDIOL
5 water water
#
loop_
_entity_poly.entity_id
_entity_poly.type
_entity_poly.pdbx_seq_one_letter_code
_entity_poly.pdbx_strand_id
1 'polypeptide(L)'
;MIKTIAFGRYELDTWYHSPYPEEYARLGRLYMCEFCLKYMKSQTILRRHMAKCVWKHPPGDEIYRKGSISVFEVDGKKNK
IYCQNLCLLAKLFLDH(ALY)TLYYDVEPFLFYVMTEADNTGCHLIGYFSKEKNSFLNYNVSCILTMPQYMRQGYGKMLI
DFSYLLSKVEEKVGSPERPLSDLGLISYRSYWKEVLLRYLHNFQGKEISIKEISQETAVNPVDIVSTLQALQMLKYWKGK
HLVLKRQDLIDEWIAKEAKRSNSNKTMDPSCLKWTPPKGT
;
A
2 'polypeptide(L)' LTYAQAQGMVEIEIEGRLHRISIFDPLEIILEDDLTAQEMSECNSNKENS B
#
loop_
_chem_comp.id
_chem_comp.type
_chem_comp.name
_chem_comp.formula
EDO non-polymer 1,2-ETHANEDIOL 'C2 H6 O2'
ZN non-polymer 'ZINC ION' 'Zn 2'
#
# COMPACT_ATOMS: atom_id res chain seq x y z
N MET A 1 25.53 -1.25 -18.00
CA MET A 1 24.56 -0.98 -16.89
C MET A 1 23.86 -2.25 -16.43
N ILE A 2 23.06 -2.14 -15.38
CA ILE A 2 22.43 -3.28 -14.73
C ILE A 2 21.20 -3.74 -15.50
N LYS A 3 21.02 -5.05 -15.57
CA LYS A 3 19.82 -5.62 -16.20
C LYS A 3 19.11 -6.71 -15.39
N THR A 4 19.82 -7.47 -14.56
CA THR A 4 19.18 -8.51 -13.76
C THR A 4 19.78 -8.61 -12.37
N ILE A 5 18.97 -9.08 -11.42
CA ILE A 5 19.45 -9.29 -10.05
C ILE A 5 19.12 -10.71 -9.63
N ALA A 6 20.08 -11.35 -8.98
CA ALA A 6 19.85 -12.61 -8.29
C ALA A 6 19.31 -12.27 -6.91
N PHE A 7 18.02 -12.49 -6.69
CA PHE A 7 17.41 -12.23 -5.39
C PHE A 7 16.83 -13.53 -4.86
N GLY A 8 17.56 -14.21 -3.99
CA GLY A 8 17.12 -15.48 -3.44
C GLY A 8 17.04 -16.54 -4.53
N ARG A 9 15.96 -17.30 -4.55
CA ARG A 9 15.77 -18.30 -5.59
C ARG A 9 15.34 -17.68 -6.92
N TYR A 10 15.27 -16.35 -6.99
CA TYR A 10 14.71 -15.67 -8.15
C TYR A 10 15.78 -14.99 -8.97
N GLU A 11 15.45 -14.78 -10.24
CA GLU A 11 16.29 -14.02 -11.16
C GLU A 11 15.37 -13.03 -11.85
N LEU A 12 15.52 -11.75 -11.52
CA LEU A 12 14.57 -10.72 -11.92
C LEU A 12 15.21 -9.75 -12.89
N ASP A 13 14.57 -9.57 -14.05
CA ASP A 13 14.87 -8.41 -14.88
C ASP A 13 14.61 -7.15 -14.05
N THR A 14 15.52 -6.19 -14.14
CA THR A 14 15.32 -4.91 -13.47
C THR A 14 14.67 -3.96 -14.48
N TRP A 15 13.82 -3.07 -13.99
CA TRP A 15 13.00 -2.23 -14.89
C TRP A 15 13.55 -0.84 -15.15
N TYR A 16 14.25 -0.25 -14.19
CA TYR A 16 14.74 1.12 -14.36
C TYR A 16 16.24 1.23 -14.06
N HIS A 17 16.66 2.37 -13.52
CA HIS A 17 18.04 2.58 -13.13
C HIS A 17 18.09 3.01 -11.68
N SER A 18 19.09 2.50 -10.95
CA SER A 18 19.24 2.79 -9.53
C SER A 18 20.64 3.33 -9.29
N PRO A 19 20.77 4.38 -8.45
CA PRO A 19 22.06 5.03 -8.27
C PRO A 19 23.06 4.20 -7.45
N TYR A 20 23.20 2.93 -7.79
CA TYR A 20 24.23 2.09 -7.21
C TYR A 20 25.61 2.68 -7.55
N PRO A 21 26.61 2.41 -6.69
CA PRO A 21 27.96 2.85 -7.03
C PRO A 21 28.37 2.34 -8.41
N GLU A 22 29.03 3.19 -9.19
CA GLU A 22 29.38 2.88 -10.58
C GLU A 22 30.21 1.61 -10.70
N GLU A 23 31.01 1.31 -9.67
CA GLU A 23 31.68 0.03 -9.55
C GLU A 23 30.71 -1.11 -9.86
N TYR A 24 29.52 -1.03 -9.27
CA TYR A 24 28.48 -2.02 -9.46
C TYR A 24 27.58 -1.72 -10.64
N ALA A 25 27.21 -0.45 -10.82
CA ALA A 25 26.40 -0.04 -11.97
C ALA A 25 27.08 -0.38 -13.31
N ARG A 26 28.42 -0.53 -13.28
CA ARG A 26 29.17 -1.02 -14.44
C ARG A 26 28.78 -2.45 -14.82
N LEU A 27 28.35 -3.23 -13.83
CA LEU A 27 27.94 -4.61 -14.04
C LEU A 27 26.53 -4.74 -14.58
N GLY A 28 26.29 -5.87 -15.27
CA GLY A 28 24.97 -6.18 -15.82
C GLY A 28 24.17 -7.08 -14.92
N ARG A 29 24.79 -7.57 -13.85
CA ARG A 29 24.15 -8.47 -12.91
C ARG A 29 24.67 -8.20 -11.50
N LEU A 30 23.75 -8.07 -10.56
CA LEU A 30 24.07 -7.92 -9.14
C LEU A 30 23.47 -9.07 -8.37
N TYR A 31 24.19 -9.54 -7.37
CA TYR A 31 23.74 -10.65 -6.52
C TYR A 31 23.41 -10.10 -5.13
N MET A 32 22.14 -10.18 -4.74
CA MET A 32 21.63 -9.54 -3.53
C MET A 32 21.44 -10.56 -2.42
N CYS A 33 21.93 -10.26 -1.22
CA CYS A 33 21.63 -11.08 -0.05
C CYS A 33 20.15 -10.93 0.29
N GLU A 34 19.40 -12.01 0.14
CA GLU A 34 17.93 -11.92 0.22
C GLU A 34 17.39 -11.52 1.59
N PHE A 35 18.23 -11.46 2.61
CA PHE A 35 17.77 -11.16 3.95
C PHE A 35 18.33 -9.88 4.51
N CYS A 36 19.61 -9.61 4.30
CA CYS A 36 20.19 -8.33 4.72
C CYS A 36 20.30 -7.31 3.58
N LEU A 37 20.02 -7.74 2.35
CA LEU A 37 19.96 -6.85 1.17
C LEU A 37 21.28 -6.22 0.77
N LYS A 38 22.39 -6.82 1.18
CA LYS A 38 23.70 -6.44 0.67
C LYS A 38 23.81 -6.82 -0.81
N TYR A 39 24.43 -5.95 -1.60
CA TYR A 39 24.64 -6.20 -3.04
C TYR A 39 26.09 -6.57 -3.30
N MET A 40 26.30 -7.52 -4.21
CA MET A 40 27.59 -8.15 -4.41
C MET A 40 27.87 -8.44 -5.87
N LYS A 41 29.17 -8.50 -6.17
CA LYS A 41 29.66 -8.53 -7.55
C LYS A 41 29.46 -9.84 -8.29
N SER A 42 29.23 -10.94 -7.59
CA SER A 42 29.26 -12.24 -8.25
C SER A 42 28.58 -13.30 -7.43
N GLN A 43 28.38 -14.46 -8.06
CA GLN A 43 27.76 -15.60 -7.42
C GLN A 43 28.68 -16.20 -6.35
N THR A 44 29.96 -16.34 -6.67
CA THR A 44 30.94 -16.85 -5.71
C THR A 44 31.00 -15.93 -4.49
N ILE A 45 30.98 -14.62 -4.72
CA ILE A 45 31.01 -13.67 -3.60
C ILE A 45 29.78 -13.86 -2.71
N LEU A 46 28.60 -13.84 -3.32
CA LEU A 46 27.33 -14.00 -2.57
C LEU A 46 27.37 -15.22 -1.68
N ARG A 47 27.67 -16.37 -2.29
CA ARG A 47 27.64 -17.65 -1.59
C ARG A 47 28.43 -17.60 -0.28
N ARG A 48 29.65 -17.08 -0.34
CA ARG A 48 30.45 -16.93 0.87
C ARG A 48 29.71 -16.04 1.87
N HIS A 49 29.11 -14.96 1.38
CA HIS A 49 28.33 -14.09 2.26
C HIS A 49 27.21 -14.88 2.91
N MET A 50 26.39 -15.55 2.11
CA MET A 50 25.26 -16.30 2.66
C MET A 50 25.67 -17.29 3.74
N ALA A 51 26.88 -17.82 3.63
CA ALA A 51 27.42 -18.71 4.66
C ALA A 51 27.77 -17.96 5.95
N LYS A 52 28.07 -16.67 5.85
CA LYS A 52 28.30 -15.82 7.02
C LYS A 52 27.01 -15.17 7.51
N CYS A 53 26.18 -14.70 6.58
CA CYS A 53 25.02 -13.88 6.91
C CYS A 53 24.11 -14.59 7.91
N VAL A 54 23.56 -13.80 8.83
CA VAL A 54 22.74 -14.32 9.93
C VAL A 54 21.25 -14.02 9.76
N TRP A 55 20.90 -12.96 9.03
CA TRP A 55 19.50 -12.61 8.84
C TRP A 55 18.74 -13.74 8.18
N LYS A 56 17.63 -14.12 8.81
CA LYS A 56 16.59 -14.97 8.20
C LYS A 56 15.26 -14.22 8.07
N HIS A 57 15.32 -12.89 8.19
CA HIS A 57 14.18 -11.99 8.07
C HIS A 57 14.77 -10.56 8.15
N PRO A 58 13.96 -9.52 7.94
CA PRO A 58 14.53 -8.17 8.08
C PRO A 58 14.76 -7.80 9.54
N PRO A 59 15.26 -6.59 9.82
CA PRO A 59 15.35 -6.16 11.20
C PRO A 59 14.09 -5.42 11.66
N GLY A 60 14.17 -4.81 12.82
CA GLY A 60 13.06 -4.06 13.39
C GLY A 60 12.14 -4.97 14.20
N ASP A 61 10.93 -4.50 14.42
CA ASP A 61 9.94 -5.28 15.17
C ASP A 61 8.94 -5.90 14.20
N GLU A 62 8.63 -7.17 14.44
CA GLU A 62 7.54 -7.86 13.75
C GLU A 62 6.25 -7.42 14.43
N ILE A 63 5.58 -6.45 13.83
CA ILE A 63 4.36 -5.88 14.42
C ILE A 63 3.10 -6.61 13.96
N TYR A 64 3.19 -7.42 12.91
CA TYR A 64 2.09 -8.28 12.48
C TYR A 64 2.65 -9.62 12.10
N ARG A 65 2.03 -10.68 12.60
CA ARG A 65 2.23 -12.02 12.10
C ARG A 65 0.86 -12.69 12.00
N LYS A 66 0.57 -13.28 10.85
CA LYS A 66 -0.53 -14.22 10.72
C LYS A 66 0.02 -15.41 9.94
N GLY A 67 0.37 -16.46 10.68
CA GLY A 67 1.06 -17.61 10.10
C GLY A 67 2.36 -17.19 9.44
N SER A 68 2.56 -17.65 8.21
CA SER A 68 3.80 -17.35 7.51
C SER A 68 3.96 -15.87 7.20
N ILE A 69 2.86 -15.15 7.02
CA ILE A 69 2.93 -13.77 6.60
C ILE A 69 3.22 -12.85 7.78
N SER A 70 4.32 -12.11 7.70
CA SER A 70 4.65 -11.12 8.73
C SER A 70 4.79 -9.74 8.11
N VAL A 71 4.88 -8.73 8.97
CA VAL A 71 5.31 -7.40 8.56
C VAL A 71 6.20 -6.86 9.65
N PHE A 72 7.41 -6.43 9.25
CA PHE A 72 8.38 -5.82 10.14
C PHE A 72 8.39 -4.31 9.94
N GLU A 73 8.63 -3.60 11.03
CA GLU A 73 8.69 -2.15 11.05
C GLU A 73 10.13 -1.77 11.36
N VAL A 74 10.83 -1.26 10.35
CA VAL A 74 12.26 -0.96 10.45
C VAL A 74 12.46 0.54 10.51
N ASP A 75 13.22 0.99 11.51
CA ASP A 75 13.49 2.41 11.69
C ASP A 75 14.69 2.80 10.85
N GLY A 76 14.47 3.73 9.92
CA GLY A 76 15.55 4.22 9.06
C GLY A 76 16.79 4.67 9.80
N LYS A 77 16.61 5.26 10.97
CA LYS A 77 17.77 5.64 11.79
C LYS A 77 18.38 4.43 12.49
N LYS A 78 17.54 3.49 12.93
CA LYS A 78 18.04 2.34 13.68
C LYS A 78 18.70 1.28 12.79
N ASN A 79 18.40 1.28 11.49
CA ASN A 79 19.04 0.36 10.53
C ASN A 79 19.30 1.09 9.23
N LYS A 80 20.10 2.14 9.31
CA LYS A 80 20.33 3.01 8.16
C LYS A 80 20.81 2.23 6.94
N ILE A 81 21.61 1.20 7.15
CA ILE A 81 22.18 0.48 6.05
C ILE A 81 21.14 -0.42 5.40
N TYR A 82 20.40 -1.18 6.21
CA TYR A 82 19.35 -2.03 5.66
C TYR A 82 18.33 -1.22 4.85
N CYS A 83 18.00 -0.03 5.31
CA CYS A 83 16.97 0.75 4.62
C CYS A 83 17.50 1.37 3.35
N GLN A 84 18.76 1.78 3.36
CA GLN A 84 19.35 2.35 2.15
C GLN A 84 19.41 1.31 1.04
N ASN A 85 19.86 0.09 1.37
CA ASN A 85 19.86 -1.01 0.40
C ASN A 85 18.47 -1.23 -0.17
N LEU A 86 17.49 -1.27 0.74
CA LEU A 86 16.11 -1.46 0.37
C LEU A 86 15.64 -0.46 -0.68
N CYS A 87 16.06 0.80 -0.55
CA CYS A 87 15.67 1.83 -1.50
C CYS A 87 16.29 1.59 -2.86
N LEU A 88 17.60 1.37 -2.88
CA LEU A 88 18.28 1.00 -4.12
C LEU A 88 17.56 -0.16 -4.80
N LEU A 89 17.23 -1.19 -4.02
CA LEU A 89 16.51 -2.33 -4.56
C LEU A 89 15.18 -1.88 -5.16
N ALA A 90 14.41 -1.13 -4.39
CA ALA A 90 13.13 -0.62 -4.85
C ALA A 90 13.24 0.39 -5.99
N LYS A 91 14.42 0.96 -6.23
CA LYS A 91 14.52 1.97 -7.27
C LYS A 91 14.54 1.36 -8.66
N LEU A 92 15.10 0.17 -8.79
CA LEU A 92 14.70 -0.69 -9.91
C LEU A 92 13.25 -1.02 -9.61
N PHE A 93 12.44 -1.22 -10.65
CA PHE A 93 11.01 -1.55 -10.47
C PHE A 93 10.11 -0.39 -10.03
N LEU A 94 10.66 0.70 -9.48
CA LEU A 94 9.88 1.89 -9.13
C LEU A 94 10.45 3.08 -9.86
N ASP A 95 9.66 3.69 -10.73
CA ASP A 95 10.15 4.71 -11.66
C ASP A 95 10.44 6.03 -10.95
N HIS A 96 9.46 6.58 -10.25
CA HIS A 96 9.65 7.86 -9.61
C HIS A 96 9.79 7.69 -8.10
OH ALY A 97 10.71 4.97 0.39
CH ALY A 97 11.46 5.26 -0.53
CH3 ALY A 97 11.75 6.71 -0.82
NZ ALY A 97 12.02 4.29 -1.27
CE ALY A 97 12.93 4.48 -2.39
CD ALY A 97 12.22 4.43 -3.74
CG ALY A 97 12.12 5.81 -4.33
CB ALY A 97 11.65 5.75 -5.77
CA ALY A 97 11.27 7.15 -6.26
N ALY A 97 10.95 7.21 -7.67
C ALY A 97 12.41 8.10 -6.00
O ALY A 97 13.44 8.04 -6.66
N THR A 98 12.22 8.96 -5.00
CA THR A 98 13.14 10.08 -4.74
C THR A 98 14.33 9.70 -3.85
N LEU A 99 14.03 9.25 -2.63
CA LEU A 99 15.03 9.15 -1.56
C LEU A 99 15.81 7.83 -1.62
N TYR A 100 17.13 7.93 -1.43
CA TYR A 100 18.02 6.78 -1.30
C TYR A 100 19.00 6.89 -0.13
N TYR A 101 19.54 8.09 0.08
CA TYR A 101 20.64 8.29 1.00
C TYR A 101 20.14 8.46 2.44
N ASP A 102 19.24 9.43 2.62
CA ASP A 102 18.83 9.87 3.96
C ASP A 102 17.53 9.22 4.40
N VAL A 103 17.65 7.98 4.84
CA VAL A 103 16.49 7.18 5.26
C VAL A 103 16.11 7.41 6.74
N GLU A 104 16.80 8.29 7.44
CA GLU A 104 16.50 8.50 8.87
C GLU A 104 15.08 8.99 9.17
N PRO A 105 14.57 9.99 8.44
CA PRO A 105 13.23 10.49 8.82
C PRO A 105 12.04 9.59 8.46
N PHE A 106 12.29 8.29 8.27
CA PHE A 106 11.32 7.38 7.68
C PHE A 106 11.20 6.08 8.47
N LEU A 107 10.00 5.50 8.43
CA LEU A 107 9.75 4.13 8.85
C LEU A 107 9.48 3.28 7.61
N PHE A 108 9.96 2.05 7.61
CA PHE A 108 9.76 1.15 6.48
C PHE A 108 8.99 -0.05 6.97
N TYR A 109 7.92 -0.40 6.27
CA TYR A 109 7.09 -1.54 6.64
C TYR A 109 7.30 -2.62 5.60
N VAL A 110 7.91 -3.73 6.03
CA VAL A 110 8.45 -4.76 5.15
C VAL A 110 7.66 -6.04 5.31
N MET A 111 6.94 -6.43 4.27
CA MET A 111 6.12 -7.62 4.30
C MET A 111 6.91 -8.81 3.79
N THR A 112 6.73 -9.95 4.46
CA THR A 112 7.55 -11.14 4.24
C THR A 112 6.73 -12.42 4.34
N GLU A 113 7.05 -13.40 3.50
CA GLU A 113 6.43 -14.73 3.56
C GLU A 113 7.47 -15.74 4.02
N ALA A 114 7.15 -16.48 5.07
CA ALA A 114 8.09 -17.41 5.69
C ALA A 114 7.94 -18.82 5.13
N ASP A 115 9.07 -19.43 4.78
CA ASP A 115 9.13 -20.88 4.60
C ASP A 115 10.30 -21.45 5.40
N ASN A 116 10.60 -22.73 5.22
CA ASN A 116 11.62 -23.40 6.02
C ASN A 116 13.01 -22.74 6.02
N THR A 117 13.35 -21.90 5.04
CA THR A 117 14.66 -21.22 5.03
C THR A 117 14.65 -19.89 5.80
N GLY A 118 13.53 -19.18 5.76
CA GLY A 118 13.44 -17.87 6.41
C GLY A 118 12.22 -17.10 5.94
N CYS A 119 12.22 -15.81 6.26
CA CYS A 119 11.12 -14.89 5.93
C CYS A 119 11.54 -14.04 4.73
N HIS A 120 10.96 -14.36 3.58
CA HIS A 120 11.32 -13.77 2.29
C HIS A 120 10.58 -12.49 1.96
N LEU A 121 11.29 -11.56 1.33
CA LEU A 121 10.77 -10.24 1.05
C LEU A 121 9.65 -10.26 -0.01
N ILE A 122 8.44 -9.88 0.40
CA ILE A 122 7.30 -9.73 -0.50
C ILE A 122 7.23 -8.33 -1.10
N GLY A 123 7.28 -7.35 -0.22
CA GLY A 123 7.15 -5.98 -0.63
C GLY A 123 7.19 -5.09 0.60
N TYR A 124 7.21 -3.80 0.36
CA TYR A 124 7.34 -2.84 1.43
C TYR A 124 6.59 -1.57 1.09
N PHE A 125 6.32 -0.79 2.13
CA PHE A 125 6.01 0.62 1.96
C PHE A 125 6.77 1.41 3.01
N SER A 126 7.21 2.61 2.61
CA SER A 126 7.88 3.54 3.50
C SER A 126 6.89 4.58 3.99
N LYS A 127 7.14 5.13 5.17
CA LYS A 127 6.25 6.09 5.77
C LYS A 127 7.06 7.13 6.52
N GLU A 128 6.88 8.40 6.17
CA GLU A 128 7.55 9.50 6.88
C GLU A 128 7.24 9.42 8.36
N LYS A 129 8.24 9.72 9.17
CA LYS A 129 8.02 9.77 10.62
C LYS A 129 7.10 10.94 11.00
N ASN A 130 7.19 12.05 10.27
CA ASN A 130 6.35 13.22 10.56
C ASN A 130 5.94 13.92 9.27
N SER A 131 4.95 13.34 8.60
CA SER A 131 4.47 13.87 7.33
C SER A 131 3.68 15.16 7.54
N PHE A 132 4.23 16.27 7.06
CA PHE A 132 3.55 17.56 7.05
C PHE A 132 2.15 17.48 6.43
N LEU A 133 2.01 16.67 5.38
CA LEU A 133 0.74 16.50 4.67
C LEU A 133 -0.04 15.25 5.08
N ASN A 134 0.37 14.59 6.17
CA ASN A 134 -0.31 13.40 6.71
C ASN A 134 -0.38 12.24 5.71
N TYR A 135 0.73 12.01 5.00
CA TYR A 135 0.81 10.87 4.11
C TYR A 135 1.11 9.62 4.90
N ASN A 136 0.31 8.58 4.71
CA ASN A 136 0.55 7.31 5.41
C ASN A 136 1.39 6.36 4.57
N VAL A 137 1.59 6.68 3.29
CA VAL A 137 2.49 5.93 2.43
C VAL A 137 3.34 6.91 1.65
N SER A 138 4.65 6.74 1.74
CA SER A 138 5.59 7.49 0.90
C SER A 138 5.81 6.73 -0.42
N CYS A 139 6.49 5.58 -0.34
CA CYS A 139 6.67 4.72 -1.50
C CYS A 139 6.23 3.30 -1.14
N ILE A 140 5.68 2.60 -2.13
CA ILE A 140 5.10 1.27 -1.91
C ILE A 140 5.49 0.38 -3.08
N LEU A 141 5.91 -0.84 -2.79
CA LEU A 141 6.30 -1.77 -3.83
C LEU A 141 6.02 -3.22 -3.44
N THR A 142 5.50 -3.95 -4.42
CA THR A 142 5.43 -5.40 -4.44
C THR A 142 6.60 -5.91 -5.27
N MET A 143 7.38 -6.85 -4.74
CA MET A 143 8.45 -7.43 -5.53
C MET A 143 7.84 -8.13 -6.74
N PRO A 144 8.55 -8.13 -7.87
CA PRO A 144 7.96 -8.65 -9.11
C PRO A 144 7.42 -10.08 -9.01
N GLN A 145 8.17 -10.95 -8.33
CA GLN A 145 7.80 -12.35 -8.18
C GLN A 145 6.56 -12.56 -7.32
N TYR A 146 6.02 -11.48 -6.75
CA TYR A 146 4.80 -11.51 -5.97
C TYR A 146 3.67 -10.66 -6.58
N MET A 147 3.90 -10.07 -7.76
CA MET A 147 2.87 -9.23 -8.39
C MET A 147 1.71 -10.07 -8.91
N ARG A 148 0.58 -9.40 -9.18
CA ARG A 148 -0.65 -10.06 -9.62
C ARG A 148 -0.98 -11.24 -8.70
N GLN A 149 -0.88 -11.02 -7.39
CA GLN A 149 -1.26 -12.03 -6.42
C GLN A 149 -2.05 -11.48 -5.26
N GLY A 150 -2.47 -10.22 -5.32
CA GLY A 150 -3.23 -9.61 -4.23
C GLY A 150 -2.44 -9.19 -3.01
N TYR A 151 -1.11 -9.08 -3.12
CA TYR A 151 -0.29 -8.58 -2.02
C TYR A 151 -0.20 -7.05 -1.98
N GLY A 152 -0.23 -6.40 -3.15
CA GLY A 152 -0.36 -4.95 -3.21
C GLY A 152 -1.50 -4.46 -2.32
N LYS A 153 -2.67 -5.06 -2.53
CA LYS A 153 -3.86 -4.71 -1.74
C LYS A 153 -3.56 -4.88 -0.25
N MET A 154 -2.95 -6.01 0.11
CA MET A 154 -2.55 -6.24 1.50
C MET A 154 -1.63 -5.13 2.03
N LEU A 155 -0.75 -4.62 1.20
CA LEU A 155 0.15 -3.56 1.66
C LEU A 155 -0.64 -2.29 1.92
N ILE A 156 -1.37 -1.84 0.91
CA ILE A 156 -2.27 -0.69 1.04
C ILE A 156 -3.14 -0.84 2.29
N ASP A 157 -3.80 -1.99 2.40
CA ASP A 157 -4.72 -2.22 3.51
C ASP A 157 -3.99 -2.06 4.85
N PHE A 158 -2.74 -2.48 4.91
CA PHE A 158 -1.97 -2.38 6.15
C PHE A 158 -1.60 -0.93 6.44
N SER A 159 -1.43 -0.12 5.40
CA SER A 159 -1.06 1.26 5.59
C SER A 159 -2.17 2.03 6.27
N TYR A 160 -3.41 1.72 5.92
CA TYR A 160 -4.57 2.35 6.54
C TYR A 160 -4.86 1.78 7.92
N LEU A 161 -4.57 0.49 8.10
CA LEU A 161 -4.74 -0.12 9.41
C LEU A 161 -3.87 0.60 10.45
N LEU A 162 -2.63 0.89 10.08
CA LEU A 162 -1.80 1.76 10.91
C LEU A 162 -2.52 3.08 11.20
N SER A 163 -2.87 3.80 10.14
CA SER A 163 -3.67 5.02 10.25
C SER A 163 -4.87 4.88 11.23
N LYS A 164 -5.59 3.77 11.15
CA LYS A 164 -6.71 3.56 12.07
C LYS A 164 -6.20 3.55 13.51
N VAL A 165 -5.23 2.69 13.77
CA VAL A 165 -4.72 2.50 15.14
C VAL A 165 -4.00 3.76 15.61
N GLU A 166 -3.46 4.53 14.68
CA GLU A 166 -2.98 5.87 15.00
C GLU A 166 -4.11 6.88 15.17
N GLU A 167 -5.34 6.50 14.85
CA GLU A 167 -6.50 7.38 14.89
C GLU A 167 -6.30 8.58 13.97
N LYS A 168 -5.86 8.27 12.74
CA LYS A 168 -5.61 9.28 11.72
C LYS A 168 -6.25 8.87 10.41
N VAL A 169 -6.55 9.87 9.59
CA VAL A 169 -6.79 9.69 8.17
C VAL A 169 -5.52 10.09 7.46
N GLY A 170 -5.18 9.39 6.40
CA GLY A 170 -4.02 9.70 5.60
C GLY A 170 -4.22 9.27 4.17
N SER A 171 -3.17 9.43 3.38
CA SER A 171 -3.25 9.17 1.95
C SER A 171 -1.84 8.96 1.42
N PRO A 172 -1.69 8.22 0.31
CA PRO A 172 -0.34 8.03 -0.21
C PRO A 172 0.28 9.34 -0.67
N GLU A 173 1.61 9.35 -0.77
CA GLU A 173 2.32 10.53 -1.22
C GLU A 173 2.07 10.74 -2.71
N ARG A 174 1.66 11.96 -3.07
CA ARG A 174 1.51 12.41 -4.45
C ARG A 174 2.89 12.78 -5.01
N PRO A 175 3.21 12.45 -6.27
CA PRO A 175 2.31 11.81 -7.25
C PRO A 175 2.16 10.31 -7.04
N LEU A 176 1.24 9.72 -7.80
CA LEU A 176 0.94 8.30 -7.76
C LEU A 176 1.38 7.65 -9.06
N SER A 177 2.32 6.71 -8.96
CA SER A 177 2.77 5.95 -10.13
C SER A 177 1.57 5.42 -10.91
N ASP A 178 1.71 5.36 -12.23
CA ASP A 178 0.64 4.86 -13.09
C ASP A 178 0.11 3.49 -12.66
N LEU A 179 0.99 2.62 -12.15
CA LEU A 179 0.59 1.30 -11.69
C LEU A 179 -0.15 1.34 -10.35
N GLY A 180 0.19 2.29 -9.49
CA GLY A 180 -0.40 2.39 -8.15
C GLY A 180 -1.68 3.19 -8.07
N LEU A 181 -1.98 3.97 -9.10
CA LEU A 181 -3.25 4.70 -9.15
C LEU A 181 -4.42 3.73 -9.36
N ILE A 182 -4.16 2.58 -9.97
CA ILE A 182 -5.23 1.62 -10.27
C ILE A 182 -5.57 0.80 -9.03
N SER A 183 -4.56 0.46 -8.25
CA SER A 183 -4.74 -0.38 -7.08
C SER A 183 -5.40 0.37 -5.92
N TYR A 184 -4.98 1.60 -5.66
CA TYR A 184 -5.69 2.47 -4.70
C TYR A 184 -7.14 2.71 -5.14
N ARG A 185 -7.33 3.06 -6.41
CA ARG A 185 -8.68 3.17 -6.96
C ARG A 185 -9.48 1.90 -6.67
N SER A 186 -8.87 0.75 -6.91
CA SER A 186 -9.52 -0.53 -6.62
C SER A 186 -9.79 -0.70 -5.12
N TYR A 187 -8.77 -0.45 -4.31
CA TYR A 187 -8.87 -0.67 -2.87
C TYR A 187 -9.93 0.23 -2.22
N TRP A 188 -9.98 1.48 -2.67
CA TRP A 188 -11.00 2.40 -2.18
C TRP A 188 -12.43 1.98 -2.57
N LYS A 189 -12.56 1.08 -3.53
CA LYS A 189 -13.86 0.57 -3.91
C LYS A 189 -14.26 -0.60 -3.01
N GLU A 190 -13.34 -1.55 -2.81
CA GLU A 190 -13.53 -2.60 -1.80
C GLU A 190 -14.01 -1.95 -0.50
N VAL A 191 -13.25 -0.95 -0.06
CA VAL A 191 -13.48 -0.35 1.25
C VAL A 191 -14.86 0.28 1.34
N LEU A 192 -15.23 1.01 0.30
CA LEU A 192 -16.46 1.77 0.30
C LEU A 192 -17.70 0.88 0.14
N LEU A 193 -17.61 -0.13 -0.72
CA LEU A 193 -18.71 -1.07 -0.90
C LEU A 193 -18.99 -1.85 0.37
N ARG A 194 -17.93 -2.27 1.05
CA ARG A 194 -18.05 -2.93 2.35
C ARG A 194 -18.80 -2.04 3.36
N TYR A 195 -18.39 -0.79 3.47
CA TYR A 195 -19.01 0.14 4.42
C TYR A 195 -20.51 0.25 4.18
N LEU A 196 -20.87 0.53 2.93
CA LEU A 196 -22.27 0.65 2.56
C LEU A 196 -23.04 -0.65 2.78
N HIS A 197 -22.37 -1.79 2.63
CA HIS A 197 -23.00 -3.07 2.93
C HIS A 197 -23.35 -3.18 4.41
N ASN A 198 -22.40 -2.85 5.28
CA ASN A 198 -22.62 -2.90 6.74
C ASN A 198 -23.46 -1.75 7.26
N PHE A 199 -23.43 -0.61 6.59
CA PHE A 199 -24.17 0.53 7.11
C PHE A 199 -25.66 0.35 6.85
N GLN A 200 -26.44 0.33 7.92
CA GLN A 200 -27.88 0.13 7.82
C GLN A 200 -28.69 1.42 7.92
N GLY A 201 -28.05 2.53 8.31
CA GLY A 201 -28.74 3.80 8.50
C GLY A 201 -29.22 4.44 7.21
N LYS A 202 -29.87 5.58 7.36
CA LYS A 202 -30.47 6.30 6.23
C LYS A 202 -29.63 7.47 5.73
N GLU A 203 -28.53 7.78 6.40
CA GLU A 203 -27.66 8.88 5.96
C GLU A 203 -26.32 8.79 6.65
N ILE A 204 -25.33 9.45 6.06
CA ILE A 204 -23.96 9.39 6.54
C ILE A 204 -23.20 10.59 6.00
N SER A 205 -22.19 11.04 6.73
CA SER A 205 -21.27 12.07 6.26
C SER A 205 -19.97 11.42 5.83
N ILE A 206 -19.28 12.08 4.91
CA ILE A 206 -17.97 11.61 4.49
C ILE A 206 -17.06 11.48 5.70
N LYS A 207 -17.06 12.49 6.57
CA LYS A 207 -16.19 12.47 7.74
C LYS A 207 -16.39 11.21 8.57
N GLU A 208 -17.63 10.75 8.67
CA GLU A 208 -17.89 9.49 9.34
C GLU A 208 -17.13 8.37 8.65
N ILE A 209 -17.31 8.24 7.34
CA ILE A 209 -16.64 7.20 6.57
C ILE A 209 -15.13 7.37 6.66
N SER A 210 -14.67 8.60 6.43
CA SER A 210 -13.26 8.92 6.56
C SER A 210 -12.75 8.43 7.92
N GLN A 211 -13.52 8.60 8.97
CA GLN A 211 -13.04 8.18 10.26
C GLN A 211 -13.07 6.68 10.48
N GLU A 212 -14.05 6.00 9.90
CA GLU A 212 -14.16 4.55 10.05
C GLU A 212 -13.03 3.82 9.34
N THR A 213 -12.73 4.25 8.11
CA THR A 213 -11.84 3.49 7.25
C THR A 213 -10.40 3.99 7.23
N ALA A 214 -10.20 5.26 7.64
CA ALA A 214 -8.94 6.00 7.56
C ALA A 214 -8.59 6.51 6.15
N VAL A 215 -9.56 6.48 5.23
CA VAL A 215 -9.35 6.98 3.87
C VAL A 215 -9.68 8.46 3.82
N ASN A 216 -8.87 9.21 3.08
CA ASN A 216 -8.99 10.66 3.08
C ASN A 216 -10.29 11.10 2.41
N PRO A 217 -10.98 12.12 2.98
CA PRO A 217 -12.31 12.48 2.44
C PRO A 217 -12.33 12.76 0.94
N VAL A 218 -11.24 13.30 0.42
CA VAL A 218 -11.12 13.56 -1.00
C VAL A 218 -11.08 12.28 -1.81
N ASP A 219 -10.31 11.30 -1.34
CA ASP A 219 -10.25 10.00 -1.99
C ASP A 219 -11.60 9.27 -1.90
N ILE A 220 -12.44 9.66 -0.94
CA ILE A 220 -13.77 9.08 -0.81
C ILE A 220 -14.74 9.65 -1.83
N VAL A 221 -14.81 10.97 -1.87
CA VAL A 221 -15.58 11.66 -2.90
C VAL A 221 -15.15 11.18 -4.29
N SER A 222 -13.83 11.09 -4.49
CA SER A 222 -13.29 10.62 -5.75
C SER A 222 -13.92 9.27 -6.16
N THR A 223 -13.78 8.28 -5.28
CA THR A 223 -14.26 6.93 -5.58
C THR A 223 -15.77 6.86 -5.77
N LEU A 224 -16.51 7.54 -4.90
CA LEU A 224 -17.96 7.60 -5.04
C LEU A 224 -18.33 8.03 -6.46
N GLN A 225 -17.62 9.02 -7.00
CA GLN A 225 -17.90 9.46 -8.36
C GLN A 225 -17.43 8.45 -9.39
N ALA A 226 -16.21 7.93 -9.21
CA ALA A 226 -15.74 6.83 -10.06
C ALA A 226 -16.80 5.72 -10.17
N LEU A 227 -17.37 5.36 -9.03
CA LEU A 227 -18.43 4.36 -9.01
C LEU A 227 -19.79 4.92 -9.46
N GLN A 228 -19.86 6.23 -9.68
CA GLN A 228 -21.08 6.93 -10.10
C GLN A 228 -22.20 6.77 -9.07
N MET A 229 -21.84 6.97 -7.81
CA MET A 229 -22.78 6.87 -6.69
C MET A 229 -23.08 8.21 -6.05
N LEU A 230 -22.46 9.28 -6.56
CA LEU A 230 -22.74 10.62 -6.07
C LEU A 230 -23.73 11.27 -7.03
N LYS A 231 -24.98 11.39 -6.59
CA LYS A 231 -26.06 11.92 -7.41
C LYS A 231 -26.65 13.17 -6.79
N TYR A 232 -27.19 14.05 -7.63
CA TYR A 232 -27.71 15.34 -7.20
C TYR A 232 -29.09 15.54 -7.81
N TRP A 233 -30.14 15.40 -6.99
CA TRP A 233 -31.50 15.65 -7.43
C TRP A 233 -32.24 16.49 -6.41
N LYS A 234 -33.06 17.41 -6.90
CA LYS A 234 -33.93 18.22 -6.06
C LYS A 234 -33.12 19.00 -5.02
N GLY A 235 -32.00 19.56 -5.45
CA GLY A 235 -31.26 20.53 -4.66
C GLY A 235 -30.31 20.02 -3.58
N LYS A 236 -30.00 18.72 -3.57
CA LYS A 236 -29.00 18.21 -2.64
C LYS A 236 -28.20 17.05 -3.20
N HIS A 237 -27.28 16.54 -2.38
CA HIS A 237 -26.35 15.48 -2.76
C HIS A 237 -26.73 14.18 -2.06
N LEU A 238 -26.98 13.15 -2.86
CA LEU A 238 -27.44 11.85 -2.37
C LEU A 238 -26.41 10.79 -2.72
N VAL A 239 -26.27 9.80 -1.84
CA VAL A 239 -25.44 8.64 -2.12
C VAL A 239 -26.34 7.56 -2.70
N LEU A 240 -25.95 7.04 -3.88
CA LEU A 240 -26.77 6.10 -4.62
C LEU A 240 -26.23 4.67 -4.47
N LYS A 241 -26.90 3.89 -3.63
CA LYS A 241 -26.47 2.52 -3.31
C LYS A 241 -26.73 1.56 -4.48
N ARG A 242 -25.77 1.45 -5.39
CA ARG A 242 -25.90 0.54 -6.53
C ARG A 242 -25.88 -0.93 -6.17
N GLN A 243 -27.02 -1.56 -6.33
CA GLN A 243 -27.17 -2.99 -6.07
C GLN A 243 -26.14 -3.82 -6.80
N ASP A 244 -26.00 -3.59 -8.09
CA ASP A 244 -25.04 -4.32 -8.91
C ASP A 244 -23.65 -4.39 -8.30
N LEU A 245 -23.01 -3.24 -8.10
CA LEU A 245 -21.65 -3.18 -7.56
C LEU A 245 -21.62 -3.85 -6.23
N ILE A 246 -22.58 -3.54 -5.37
CA ILE A 246 -22.63 -4.17 -4.08
C ILE A 246 -22.76 -5.70 -4.16
N ASP A 247 -23.51 -6.18 -5.14
CA ASP A 247 -23.75 -7.61 -5.34
C ASP A 247 -22.56 -8.27 -5.99
N GLU A 248 -21.86 -7.51 -6.82
CA GLU A 248 -20.65 -8.02 -7.43
C GLU A 248 -19.56 -8.06 -6.38
N TRP A 249 -19.59 -7.10 -5.46
CA TRP A 249 -18.62 -7.03 -4.40
C TRP A 249 -18.73 -8.26 -3.51
N ILE A 250 -19.94 -8.69 -3.21
CA ILE A 250 -20.08 -9.86 -2.36
C ILE A 250 -19.58 -11.14 -3.01
N ALA A 251 -19.79 -11.30 -4.31
CA ALA A 251 -19.30 -12.46 -5.01
C ALA A 251 -17.78 -12.41 -5.08
N LYS A 252 -17.24 -11.20 -5.26
CA LYS A 252 -15.79 -11.02 -5.29
C LYS A 252 -15.15 -11.23 -3.93
N GLU A 253 -15.90 -11.03 -2.87
CA GLU A 253 -15.45 -11.33 -1.53
C GLU A 253 -15.14 -12.80 -1.32
N ALA A 254 -16.01 -13.64 -1.85
CA ALA A 254 -15.84 -15.07 -1.72
C ALA A 254 -14.52 -15.48 -2.36
N LYS A 255 -14.37 -15.11 -3.62
CA LYS A 255 -13.18 -15.39 -4.41
C LYS A 255 -11.89 -15.06 -3.69
N ARG A 256 -11.69 -13.78 -3.39
CA ARG A 256 -10.49 -13.27 -2.77
C ARG A 256 -10.13 -13.99 -1.47
N SER A 257 -10.99 -13.87 -0.44
CA SER A 257 -10.84 -14.44 0.92
C SER A 257 -10.86 -15.98 1.08
N ASN A 258 -11.11 -16.68 -0.02
CA ASN A 258 -10.91 -18.08 -0.16
C ASN A 258 -9.41 -18.27 -0.23
N SER A 259 -8.67 -17.35 -0.86
CA SER A 259 -7.22 -17.46 -0.94
C SER A 259 -6.39 -16.76 0.13
N ASN A 260 -7.00 -16.36 1.23
CA ASN A 260 -6.32 -15.79 2.38
C ASN A 260 -5.46 -14.55 2.18
N LYS A 261 -5.75 -13.78 1.15
CA LYS A 261 -5.02 -12.57 0.89
C LYS A 261 -5.72 -11.40 1.53
N THR A 262 -5.86 -11.48 2.84
CA THR A 262 -6.51 -10.48 3.59
C THR A 262 -5.64 -10.23 4.79
N MET A 263 -5.51 -8.97 5.16
CA MET A 263 -4.86 -8.65 6.41
C MET A 263 -5.91 -8.72 7.53
N ASP A 264 -5.43 -8.74 8.76
CA ASP A 264 -6.21 -9.22 9.89
C ASP A 264 -5.88 -8.39 11.13
N PRO A 265 -6.72 -7.41 11.46
CA PRO A 265 -6.42 -6.53 12.60
C PRO A 265 -6.14 -7.27 13.91
N SER A 266 -6.71 -8.46 14.08
CA SER A 266 -6.48 -9.24 15.29
C SER A 266 -5.03 -9.68 15.49
N CYS A 267 -4.26 -9.76 14.40
CA CYS A 267 -2.87 -10.22 14.45
C CYS A 267 -1.84 -9.11 14.64
N LEU A 268 -2.28 -7.86 14.58
CA LEU A 268 -1.36 -6.74 14.75
C LEU A 268 -1.03 -6.53 16.23
N LYS A 269 0.26 -6.39 16.53
CA LYS A 269 0.72 -6.05 17.89
C LYS A 269 1.58 -4.80 17.74
N TRP A 270 0.94 -3.64 17.84
CA TRP A 270 1.60 -2.36 17.58
C TRP A 270 1.17 -1.27 18.53
N THR A 271 2.08 -0.34 18.80
CA THR A 271 1.69 0.89 19.47
C THR A 271 2.25 2.07 18.68
N PRO A 272 1.41 3.09 18.43
CA PRO A 272 1.85 4.29 17.71
C PRO A 272 2.49 5.33 18.65
N PRO A 273 3.10 6.40 18.11
CA PRO A 273 3.80 7.38 18.97
C PRO A 273 2.87 8.26 19.82
N GLY B 8 -14.58 22.06 4.97
CA GLY B 8 -14.39 20.96 3.99
C GLY B 8 -15.38 21.06 2.85
N MET B 9 -14.86 21.32 1.64
CA MET B 9 -15.69 21.56 0.47
C MET B 9 -14.98 21.07 -0.80
N VAL B 10 -15.51 20.00 -1.38
CA VAL B 10 -14.93 19.35 -2.54
C VAL B 10 -15.62 19.82 -3.82
N GLU B 11 -14.93 19.71 -4.94
CA GLU B 11 -15.51 20.15 -6.21
C GLU B 11 -15.15 19.22 -7.36
N ILE B 12 -16.15 18.88 -8.17
CA ILE B 12 -16.00 18.10 -9.41
C ILE B 12 -17.38 17.98 -10.13
N GLU B 13 -17.46 17.16 -11.19
CA GLU B 13 -18.53 17.22 -12.19
C GLU B 13 -19.48 16.01 -12.13
N ILE B 14 -20.77 16.24 -12.42
CA ILE B 14 -21.80 15.17 -12.53
C ILE B 14 -22.73 15.46 -13.72
N GLU B 15 -22.43 14.85 -14.87
CA GLU B 15 -23.30 14.93 -16.06
C GLU B 15 -23.44 16.36 -16.59
N GLY B 16 -22.32 16.92 -17.02
CA GLY B 16 -22.29 18.26 -17.62
C GLY B 16 -22.82 19.38 -16.74
N ARG B 17 -22.60 19.26 -15.43
CA ARG B 17 -22.89 20.33 -14.47
C ARG B 17 -21.71 20.41 -13.52
N LEU B 18 -21.72 21.38 -12.61
CA LEU B 18 -20.59 21.54 -11.69
C LEU B 18 -21.06 21.63 -10.26
N HIS B 19 -20.44 20.85 -9.38
CA HIS B 19 -21.02 20.56 -8.07
C HIS B 19 -20.00 20.57 -6.93
N ARG B 20 -20.48 21.02 -5.76
CA ARG B 20 -19.66 21.32 -4.59
C ARG B 20 -20.37 20.80 -3.35
N ILE B 21 -19.64 20.09 -2.49
CA ILE B 21 -20.29 19.27 -1.47
C ILE B 21 -19.46 19.22 -0.18
N SER B 22 -20.14 19.35 0.95
CA SER B 22 -19.49 19.38 2.26
C SER B 22 -19.29 17.97 2.81
N ILE B 23 -18.22 17.77 3.56
CA ILE B 23 -17.87 16.46 4.09
C ILE B 23 -18.36 16.27 5.53
N PHE B 24 -19.29 17.10 5.96
CA PHE B 24 -19.86 16.99 7.30
C PHE B 24 -21.37 16.86 7.29
N ASP B 25 -22.03 17.45 6.29
CA ASP B 25 -23.46 17.26 6.11
C ASP B 25 -23.75 15.76 5.95
N PRO B 26 -24.73 15.22 6.69
CA PRO B 26 -25.23 13.89 6.34
C PRO B 26 -25.81 13.86 4.94
N LEU B 27 -25.36 12.90 4.13
CA LEU B 27 -25.88 12.67 2.79
C LEU B 27 -26.81 11.48 2.80
N GLU B 28 -27.94 11.64 2.11
CA GLU B 28 -28.98 10.62 2.10
C GLU B 28 -28.59 9.47 1.17
N ILE B 29 -28.79 8.25 1.67
CA ILE B 29 -28.56 7.03 0.92
C ILE B 29 -29.91 6.54 0.37
N ILE B 30 -29.97 6.25 -0.93
CA ILE B 30 -31.20 5.76 -1.56
C ILE B 30 -30.87 4.59 -2.48
N LEU B 31 -31.91 3.98 -3.06
CA LEU B 31 -31.74 2.78 -3.88
C LEU B 31 -32.05 3.04 -5.36
N GLU B 32 -33.33 3.19 -5.70
CA GLU B 32 -33.77 3.26 -7.11
C GLU B 32 -34.69 4.47 -7.33
N ASP B 33 -36.00 4.27 -7.18
CA ASP B 33 -36.96 5.34 -6.86
C ASP B 33 -37.14 6.38 -8.01
N ASP B 34 -37.91 7.44 -7.76
CA ASP B 34 -38.46 8.28 -8.83
C ASP B 34 -37.46 9.17 -9.58
N LEU B 35 -36.25 9.33 -9.03
CA LEU B 35 -35.22 10.11 -9.71
C LEU B 35 -34.01 9.25 -10.01
ZN ZN C . 23.01 -10.97 4.38
C1 EDO D . -2.95 -6.72 -6.53
O1 EDO D . -2.44 -6.50 -5.21
C2 EDO D . -1.80 -6.90 -7.52
O2 EDO D . -0.77 -7.76 -7.00
#